data_9H0V
#
_entry.id   9H0V
#
_cell.length_a   42.430
_cell.length_b   41.260
_cell.length_c   72.470
_cell.angle_alpha   90.00
_cell.angle_beta   104.72
_cell.angle_gamma   90.00
#
_symmetry.space_group_name_H-M   'P 1 21 1'
#
loop_
_entity.id
_entity.type
_entity.pdbx_description
1 polymer 'Carbonic anhydrase 2'
2 non-polymer 'ZINC ION'
3 non-polymer 1-carbamimidoyl-3-[2-(4-sulfamoylphenyl)ethyl]guanidine
4 non-polymer 'DIMETHYL SULFOXIDE'
5 water water
#
_entity_poly.entity_id   1
_entity_poly.type   'polypeptide(L)'
_entity_poly.pdbx_seq_one_letter_code
;MSHHWGYGKHNGPEHWHKDFPIAKGERQSPVDIDTHTAKYDPSLKPLSVSYDQATSLRILNNGHAFNVEFDDSQDKAVLK
GGPLDGTYRLIQFHFHWGSLDGQGSEHTVDKKKYAAELHLVHWNTKYGDFGKAVQQPDGLAVLGIFLKVGSAKPGLQKVV
DVLDSIKTKGKSADFTNFDPRGLLPESLDYWTYPGSLTTPPLLECVTWIVLKEPISVSSEQVLKFRKLNFNGEGEPEELM
VDNWRPAQPLKNRQIKASFK
;
_entity_poly.pdbx_strand_id   A
#
loop_
_chem_comp.id
_chem_comp.type
_chem_comp.name
_chem_comp.formula
A1IRV non-polymer 1-carbamimidoyl-3-[2-(4-sulfamoylphenyl)ethyl]guanidine 'C10 H16 N6 O2 S'
DMS non-polymer 'DIMETHYL SULFOXIDE' 'C2 H6 O S'
ZN non-polymer 'ZINC ION' 'Zn 2'
#
# COMPACT_ATOMS: atom_id res chain seq x y z
N HIS A 3 21.73 11.28 -6.47
CA HIS A 3 21.56 9.79 -6.43
C HIS A 3 20.61 9.32 -5.31
N HIS A 4 19.33 9.69 -5.47
CA HIS A 4 18.24 9.47 -4.51
C HIS A 4 17.67 8.08 -4.73
N TRP A 5 16.98 7.56 -3.73
CA TRP A 5 16.47 6.20 -3.81
C TRP A 5 15.36 6.13 -4.86
N GLY A 6 15.17 4.93 -5.41
CA GLY A 6 14.06 4.68 -6.31
C GLY A 6 13.94 3.18 -6.57
N TYR A 7 13.61 2.87 -7.85
N TYR A 7 13.61 2.77 -7.79
CA TYR A 7 13.25 1.55 -8.35
CA TYR A 7 13.49 1.35 -8.05
C TYR A 7 14.03 1.24 -9.64
C TYR A 7 14.33 0.95 -9.26
N GLY A 8 15.30 1.67 -9.65
N GLY A 8 14.89 1.97 -9.95
CA GLY A 8 16.29 1.31 -10.68
CA GLY A 8 15.61 1.81 -11.20
C GLY A 8 17.39 0.38 -10.15
C GLY A 8 16.78 0.83 -11.11
N LYS A 9 18.19 -0.15 -11.08
N LYS A 9 17.70 0.92 -12.08
CA LYS A 9 19.29 -1.03 -10.74
CA LYS A 9 18.76 -0.06 -12.24
C LYS A 9 20.30 -0.28 -9.86
C LYS A 9 19.89 0.13 -11.21
N HIS A 10 20.44 1.02 -10.11
N HIS A 10 19.96 1.31 -10.56
CA HIS A 10 21.46 1.72 -9.37
CA HIS A 10 21.10 1.69 -9.76
C HIS A 10 20.84 2.42 -8.17
C HIS A 10 20.79 2.15 -8.33
N ASN A 11 19.51 2.36 -8.00
CA ASN A 11 19.03 3.00 -6.77
C ASN A 11 17.87 2.25 -6.13
N GLY A 12 17.67 1.01 -6.54
CA GLY A 12 16.53 0.22 -6.13
C GLY A 12 16.69 -0.38 -4.75
N PRO A 13 15.73 -1.26 -4.38
CA PRO A 13 15.68 -1.78 -3.02
C PRO A 13 16.96 -2.37 -2.45
N GLU A 14 17.81 -2.99 -3.28
N GLU A 14 17.79 -2.96 -3.31
CA GLU A 14 19.01 -3.59 -2.74
CA GLU A 14 19.02 -3.58 -2.84
C GLU A 14 20.06 -2.54 -2.35
C GLU A 14 20.08 -2.56 -2.45
N HIS A 15 19.83 -1.28 -2.75
CA HIS A 15 20.74 -0.20 -2.42
C HIS A 15 20.28 0.61 -1.20
N TRP A 16 19.01 0.47 -0.80
CA TRP A 16 18.42 1.38 0.18
C TRP A 16 19.13 1.38 1.52
N HIS A 17 19.69 0.22 1.91
CA HIS A 17 20.34 0.09 3.19
C HIS A 17 21.47 1.07 3.37
N LYS A 18 22.10 1.51 2.28
CA LYS A 18 23.23 2.43 2.42
C LYS A 18 22.84 3.76 3.02
N ASP A 19 21.68 4.28 2.64
CA ASP A 19 21.18 5.49 3.28
C ASP A 19 20.21 5.26 4.40
N PHE A 20 19.60 4.06 4.47
CA PHE A 20 18.57 3.76 5.43
C PHE A 20 18.91 2.40 6.03
N PRO A 21 19.85 2.34 7.01
CA PRO A 21 20.31 1.04 7.50
C PRO A 21 19.23 0.15 8.10
N ILE A 22 18.12 0.73 8.55
N ILE A 22 18.11 0.73 8.54
CA ILE A 22 17.00 -0.06 9.06
CA ILE A 22 16.99 -0.04 9.05
C ILE A 22 16.46 -1.00 7.99
C ILE A 22 16.41 -0.95 7.98
N ALA A 23 16.82 -0.80 6.71
CA ALA A 23 16.43 -1.71 5.65
C ALA A 23 16.75 -3.15 5.98
N LYS A 24 17.79 -3.37 6.80
CA LYS A 24 18.20 -4.72 7.23
C LYS A 24 17.69 -5.07 8.65
N GLY A 25 16.65 -4.36 9.09
CA GLY A 25 16.15 -4.47 10.45
C GLY A 25 15.36 -5.74 10.72
N GLU A 26 14.78 -5.78 11.92
CA GLU A 26 14.12 -6.95 12.41
C GLU A 26 12.62 -6.99 12.13
N ARG A 27 12.06 -5.90 11.61
CA ARG A 27 10.61 -5.86 11.38
C ARG A 27 10.31 -5.17 10.04
N GLN A 28 10.99 -5.61 8.99
CA GLN A 28 10.83 -4.98 7.68
C GLN A 28 9.69 -5.60 6.88
N SER A 29 9.12 -4.76 6.01
CA SER A 29 8.03 -5.17 5.14
C SER A 29 8.39 -4.88 3.70
N PRO A 30 7.74 -5.51 2.72
CA PRO A 30 6.75 -6.58 2.90
C PRO A 30 7.38 -7.92 3.24
N VAL A 31 6.51 -8.93 3.38
CA VAL A 31 6.90 -10.29 3.65
C VAL A 31 6.05 -11.21 2.78
N ASP A 32 6.54 -12.44 2.63
CA ASP A 32 5.74 -13.51 2.10
C ASP A 32 4.84 -14.03 3.22
N ILE A 33 3.57 -14.21 2.89
CA ILE A 33 2.59 -14.78 3.78
C ILE A 33 2.47 -16.26 3.47
N ASP A 34 3.02 -17.09 4.34
N ASP A 34 3.06 -17.08 4.32
CA ASP A 34 2.92 -18.52 4.17
CA ASP A 34 2.91 -18.53 4.24
C ASP A 34 1.64 -18.98 4.85
C ASP A 34 1.57 -18.89 4.86
N THR A 35 0.62 -19.28 4.03
CA THR A 35 -0.74 -19.48 4.51
C THR A 35 -0.87 -20.66 5.45
N HIS A 36 -0.09 -21.69 5.23
N HIS A 36 0.14 -21.54 5.44
CA HIS A 36 -0.19 -22.86 6.08
CA HIS A 36 0.23 -22.76 6.24
C HIS A 36 0.34 -22.57 7.49
C HIS A 36 1.05 -22.57 7.53
N THR A 37 1.30 -21.66 7.63
N THR A 37 1.67 -21.41 7.68
CA THR A 37 1.86 -21.44 8.95
CA THR A 37 2.33 -21.08 8.94
C THR A 37 1.21 -20.27 9.71
C THR A 37 1.53 -20.01 9.68
N ALA A 38 0.59 -19.32 9.00
CA ALA A 38 -0.15 -18.25 9.62
C ALA A 38 -1.16 -18.87 10.55
N LYS A 39 -1.18 -18.41 11.79
CA LYS A 39 -2.07 -18.99 12.78
C LYS A 39 -3.38 -18.22 12.87
N TYR A 40 -4.48 -18.95 12.84
CA TYR A 40 -5.78 -18.40 13.12
C TYR A 40 -5.77 -17.97 14.57
N ASP A 41 -6.14 -16.72 14.80
CA ASP A 41 -6.16 -16.16 16.12
C ASP A 41 -7.59 -15.77 16.45
N PRO A 42 -8.32 -16.57 17.25
CA PRO A 42 -9.72 -16.30 17.50
C PRO A 42 -9.94 -15.03 18.32
N SER A 43 -8.86 -14.50 18.90
CA SER A 43 -8.93 -13.25 19.66
C SER A 43 -8.98 -12.02 18.75
N LEU A 44 -8.61 -12.14 17.47
CA LEU A 44 -8.67 -11.01 16.54
C LEU A 44 -10.12 -10.65 16.27
N LYS A 45 -10.37 -9.36 16.21
CA LYS A 45 -11.69 -8.83 15.93
C LYS A 45 -11.88 -8.55 14.46
N PRO A 46 -13.17 -8.50 14.04
CA PRO A 46 -13.50 -8.02 12.70
C PRO A 46 -12.90 -6.65 12.57
N LEU A 47 -12.41 -6.36 11.37
CA LEU A 47 -11.96 -5.03 11.08
C LEU A 47 -13.19 -4.13 11.01
N SER A 48 -13.02 -2.89 11.46
CA SER A 48 -13.99 -1.84 11.29
C SER A 48 -13.40 -0.81 10.35
N VAL A 49 -13.94 -0.75 9.14
CA VAL A 49 -13.53 0.24 8.14
C VAL A 49 -14.69 1.22 8.04
N SER A 50 -14.46 2.46 8.47
N SER A 50 -14.46 2.45 8.48
CA SER A 50 -15.51 3.46 8.50
CA SER A 50 -15.50 3.47 8.50
C SER A 50 -15.12 4.63 7.61
C SER A 50 -15.09 4.63 7.60
N TYR A 51 -15.48 4.52 6.33
CA TYR A 51 -15.09 5.46 5.30
C TYR A 51 -16.25 6.32 4.75
N ASP A 52 -17.43 6.23 5.36
N ASP A 52 -17.44 6.19 5.32
CA ASP A 52 -18.61 6.96 4.86
CA ASP A 52 -18.59 6.96 4.84
C ASP A 52 -18.40 8.48 4.77
C ASP A 52 -18.25 8.45 4.67
N GLN A 53 -17.57 9.03 5.66
CA GLN A 53 -17.34 10.47 5.71
C GLN A 53 -15.99 10.87 5.13
N ALA A 54 -15.32 9.98 4.41
CA ALA A 54 -14.01 10.30 3.86
C ALA A 54 -14.07 11.56 3.00
N THR A 55 -13.03 12.36 3.12
CA THR A 55 -12.85 13.56 2.32
C THR A 55 -11.53 13.47 1.56
N SER A 56 -11.57 12.99 0.32
CA SER A 56 -10.38 13.03 -0.51
C SER A 56 -10.17 14.49 -0.93
N LEU A 57 -8.91 14.88 -1.16
CA LEU A 57 -8.59 16.25 -1.55
C LEU A 57 -7.83 16.35 -2.87
N ARG A 58 -6.83 15.50 -3.07
CA ARG A 58 -5.85 15.74 -4.09
C ARG A 58 -5.20 14.42 -4.46
N ILE A 59 -4.67 14.36 -5.68
CA ILE A 59 -3.85 13.25 -6.12
C ILE A 59 -2.50 13.79 -6.58
N LEU A 60 -1.42 13.13 -6.19
CA LEU A 60 -0.06 13.60 -6.39
C LEU A 60 0.80 12.47 -6.98
N ASN A 61 1.53 12.78 -8.06
CA ASN A 61 2.62 11.91 -8.52
C ASN A 61 3.87 12.35 -7.77
N ASN A 62 4.35 11.51 -6.86
CA ASN A 62 5.49 11.89 -6.02
C ASN A 62 6.82 11.35 -6.53
N GLY A 63 6.80 10.79 -7.75
CA GLY A 63 7.99 10.24 -8.35
C GLY A 63 8.22 8.77 -8.04
N HIS A 64 7.42 8.19 -7.11
N HIS A 64 7.49 8.19 -7.08
CA HIS A 64 7.54 6.80 -6.68
CA HIS A 64 7.56 6.76 -6.88
C HIS A 64 6.22 6.02 -6.82
C HIS A 64 6.22 6.07 -7.11
N ALA A 65 5.12 6.74 -6.76
CA ALA A 65 3.78 6.25 -6.93
C ALA A 65 2.89 7.46 -7.12
N PHE A 66 1.57 7.24 -7.09
CA PHE A 66 0.66 8.36 -6.93
C PHE A 66 -0.08 8.16 -5.62
N ASN A 67 -0.29 9.27 -4.89
N ASN A 67 -0.28 9.26 -4.90
CA ASN A 67 -1.01 9.21 -3.64
CA ASN A 67 -1.01 9.23 -3.64
C ASN A 67 -2.30 10.00 -3.75
C ASN A 67 -2.33 9.99 -3.81
N VAL A 68 -3.41 9.35 -3.39
CA VAL A 68 -4.68 10.01 -3.17
C VAL A 68 -4.72 10.43 -1.70
N GLU A 69 -4.79 11.74 -1.47
CA GLU A 69 -4.64 12.31 -0.16
C GLU A 69 -6.00 12.66 0.40
N PHE A 70 -6.13 12.51 1.74
CA PHE A 70 -7.37 12.78 2.43
C PHE A 70 -7.18 13.90 3.47
N ASP A 71 -8.30 14.52 3.82
CA ASP A 71 -8.36 15.40 4.99
C ASP A 71 -8.36 14.53 6.25
N ASP A 72 -7.28 14.54 7.00
CA ASP A 72 -7.14 13.77 8.24
C ASP A 72 -7.16 14.68 9.47
N SER A 73 -7.79 15.84 9.39
CA SER A 73 -7.86 16.81 10.50
C SER A 73 -9.00 16.51 11.47
N GLN A 74 -9.83 15.51 11.14
CA GLN A 74 -10.87 15.01 12.03
C GLN A 74 -11.06 13.52 11.79
N ASP A 75 -11.69 12.87 12.78
N ASP A 75 -11.93 12.79 12.55
CA ASP A 75 -12.13 11.49 12.66
CA ASP A 75 -12.08 11.35 12.37
C ASP A 75 -13.31 11.46 11.70
C ASP A 75 -13.09 10.95 11.28
N LYS A 76 -12.97 11.15 10.46
N LYS A 76 -12.81 11.37 10.05
CA LYS A 76 -13.94 10.85 9.42
CA LYS A 76 -13.68 11.25 8.89
C LYS A 76 -13.66 9.44 8.95
C LYS A 76 -13.70 9.84 8.26
N ALA A 77 -12.55 9.23 8.23
CA ALA A 77 -12.30 7.95 7.59
C ALA A 77 -11.33 7.21 8.49
N VAL A 78 -11.84 6.24 9.25
CA VAL A 78 -11.01 5.61 10.24
C VAL A 78 -11.09 4.09 10.14
N LEU A 79 -9.98 3.52 10.59
CA LEU A 79 -9.83 2.09 10.74
C LEU A 79 -9.69 1.78 12.23
N LYS A 80 -10.45 0.79 12.68
N LYS A 80 -10.44 0.80 12.72
CA LYS A 80 -10.56 0.39 14.07
CA LYS A 80 -10.27 0.32 14.08
C LYS A 80 -10.67 -1.12 14.11
C LYS A 80 -10.63 -1.14 14.11
N GLY A 81 -10.53 -1.72 15.30
CA GLY A 81 -10.83 -3.13 15.43
C GLY A 81 -9.73 -3.92 14.78
N GLY A 82 -10.06 -5.15 14.39
CA GLY A 82 -9.00 -6.06 13.97
C GLY A 82 -7.98 -6.29 15.07
N PRO A 83 -6.68 -6.15 14.74
CA PRO A 83 -5.64 -6.24 15.74
C PRO A 83 -5.38 -4.94 16.47
N LEU A 84 -6.09 -3.86 16.11
CA LEU A 84 -5.71 -2.53 16.54
C LEU A 84 -6.33 -2.17 17.89
N ASP A 85 -5.60 -1.33 18.62
CA ASP A 85 -6.09 -0.62 19.79
C ASP A 85 -6.29 0.82 19.34
N GLY A 86 -7.46 1.37 19.58
CA GLY A 86 -7.66 2.77 19.26
C GLY A 86 -7.99 2.98 17.79
N THR A 87 -7.85 4.23 17.38
CA THR A 87 -8.46 4.74 16.18
C THR A 87 -7.35 5.24 15.26
N TYR A 88 -7.40 4.81 14.00
CA TYR A 88 -6.41 5.19 13.01
C TYR A 88 -7.08 5.92 11.87
N ARG A 89 -6.62 7.14 11.58
N ARG A 89 -6.52 7.07 11.52
CA ARG A 89 -7.21 7.98 10.53
CA ARG A 89 -7.13 7.94 10.55
C ARG A 89 -6.50 7.73 9.20
C ARG A 89 -6.48 7.80 9.18
N LEU A 90 -7.32 7.66 8.14
CA LEU A 90 -6.85 7.58 6.78
C LEU A 90 -6.18 8.89 6.38
N ILE A 91 -4.93 8.80 5.89
CA ILE A 91 -4.22 9.97 5.38
C ILE A 91 -4.07 9.91 3.86
N GLN A 92 -3.80 8.70 3.29
CA GLN A 92 -3.58 8.58 1.85
C GLN A 92 -3.71 7.12 1.47
N PHE A 93 -3.96 6.90 0.19
CA PHE A 93 -3.73 5.59 -0.39
C PHE A 93 -2.87 5.72 -1.64
N HIS A 94 -2.18 4.62 -1.96
CA HIS A 94 -1.39 4.51 -3.16
C HIS A 94 -1.33 3.04 -3.53
N PHE A 95 -0.67 2.77 -4.65
CA PHE A 95 -0.49 1.42 -5.15
C PHE A 95 0.98 1.17 -5.45
N HIS A 96 1.31 -0.11 -5.54
CA HIS A 96 2.54 -0.60 -6.11
C HIS A 96 2.14 -1.55 -7.22
N TRP A 97 2.86 -1.54 -8.35
CA TRP A 97 2.49 -2.37 -9.48
C TRP A 97 3.70 -2.73 -10.32
N GLY A 98 3.45 -3.64 -11.25
CA GLY A 98 4.50 -4.23 -12.07
C GLY A 98 4.52 -3.70 -13.49
N SER A 99 5.58 -4.12 -14.22
CA SER A 99 5.64 -3.90 -15.65
C SER A 99 4.77 -4.89 -16.43
N LEU A 100 4.44 -6.02 -15.78
N LEU A 100 4.43 -6.04 -15.83
CA LEU A 100 3.74 -7.17 -16.33
CA LEU A 100 3.56 -7.04 -16.43
C LEU A 100 2.74 -7.63 -15.27
C LEU A 100 2.75 -7.64 -15.30
N ASP A 101 1.69 -8.37 -15.65
CA ASP A 101 0.68 -8.75 -14.67
C ASP A 101 1.22 -9.76 -13.66
N GLY A 102 2.28 -10.49 -13.99
CA GLY A 102 2.81 -11.47 -13.08
C GLY A 102 3.69 -10.96 -11.94
N GLN A 103 3.77 -9.64 -11.76
N GLN A 103 3.80 -9.65 -11.77
CA GLN A 103 4.50 -9.08 -10.66
CA GLN A 103 4.50 -9.11 -10.62
C GLN A 103 3.87 -7.74 -10.32
C GLN A 103 3.95 -7.72 -10.35
N GLY A 104 4.20 -7.21 -9.14
CA GLY A 104 3.71 -5.88 -8.81
C GLY A 104 3.39 -5.74 -7.34
N SER A 105 2.88 -6.82 -6.71
CA SER A 105 2.57 -6.72 -5.29
C SER A 105 3.85 -6.74 -4.48
N GLU A 106 3.72 -6.21 -3.26
CA GLU A 106 4.78 -6.20 -2.28
C GLU A 106 4.71 -7.45 -1.42
N HIS A 107 3.61 -7.58 -0.69
CA HIS A 107 3.33 -8.86 -0.08
C HIS A 107 3.10 -9.93 -1.14
N THR A 108 3.45 -11.15 -0.77
CA THR A 108 3.17 -12.32 -1.60
C THR A 108 2.45 -13.33 -0.73
N VAL A 109 1.74 -14.27 -1.39
CA VAL A 109 0.93 -15.25 -0.68
C VAL A 109 1.40 -16.62 -1.16
N ASP A 110 2.10 -17.35 -0.30
CA ASP A 110 2.71 -18.61 -0.73
C ASP A 110 3.56 -18.39 -2.00
N LYS A 111 4.29 -17.27 -1.99
CA LYS A 111 5.22 -16.82 -3.03
C LYS A 111 4.50 -16.31 -4.27
N LYS A 112 3.17 -16.32 -4.31
CA LYS A 112 2.45 -15.71 -5.42
C LYS A 112 2.52 -14.20 -5.35
N LYS A 113 2.88 -13.62 -6.48
CA LYS A 113 2.83 -12.20 -6.70
C LYS A 113 1.56 -11.83 -7.45
N TYR A 114 0.89 -10.80 -6.95
CA TYR A 114 -0.25 -10.23 -7.62
C TYR A 114 0.22 -9.10 -8.55
N ALA A 115 -0.68 -8.65 -9.42
CA ALA A 115 -0.34 -7.60 -10.38
C ALA A 115 -0.08 -6.26 -9.70
N ALA A 116 -0.68 -6.01 -8.55
CA ALA A 116 -0.52 -4.74 -7.86
C ALA A 116 -1.02 -4.93 -6.44
N GLU A 117 -0.76 -3.91 -5.63
CA GLU A 117 -1.17 -3.90 -4.23
C GLU A 117 -1.54 -2.46 -3.87
N LEU A 118 -2.71 -2.31 -3.27
CA LEU A 118 -3.22 -1.05 -2.72
C LEU A 118 -2.88 -0.98 -1.27
N HIS A 119 -2.36 0.19 -0.84
CA HIS A 119 -2.08 0.49 0.55
C HIS A 119 -2.91 1.69 0.96
N LEU A 120 -3.82 1.48 1.91
CA LEU A 120 -4.59 2.50 2.57
C LEU A 120 -3.89 2.77 3.89
N VAL A 121 -3.31 3.96 4.01
CA VAL A 121 -2.39 4.30 5.10
C VAL A 121 -3.13 5.10 6.17
N HIS A 122 -3.03 4.65 7.41
CA HIS A 122 -3.71 5.29 8.52
C HIS A 122 -2.76 5.50 9.68
N TRP A 123 -2.98 6.56 10.44
CA TRP A 123 -2.14 6.85 11.61
C TRP A 123 -2.96 6.91 12.90
N ASN A 124 -2.29 6.48 13.97
CA ASN A 124 -2.91 6.36 15.27
C ASN A 124 -3.14 7.73 15.91
N THR A 125 -4.40 8.06 16.16
CA THR A 125 -4.76 9.39 16.61
C THR A 125 -4.13 9.71 17.96
N LYS A 126 -3.69 8.69 18.73
CA LYS A 126 -3.11 9.02 20.01
C LYS A 126 -1.80 9.81 19.87
N TYR A 127 -1.18 9.82 18.67
CA TYR A 127 0.08 10.53 18.46
C TYR A 127 -0.11 11.89 17.77
N GLY A 128 -1.35 12.26 17.42
CA GLY A 128 -1.63 13.65 17.06
C GLY A 128 -1.39 14.01 15.59
N ASP A 129 -0.28 13.54 14.99
CA ASP A 129 -0.06 13.75 13.56
C ASP A 129 0.74 12.60 13.00
N PHE A 130 0.76 12.52 11.67
CA PHE A 130 1.43 11.44 11.00
C PHE A 130 2.92 11.41 11.31
N GLY A 131 3.57 12.57 11.31
CA GLY A 131 4.99 12.64 11.54
C GLY A 131 5.40 12.12 12.91
N LYS A 132 4.56 12.33 13.92
CA LYS A 132 4.82 11.76 15.23
C LYS A 132 4.51 10.26 15.22
N ALA A 133 3.44 9.86 14.55
CA ALA A 133 3.04 8.45 14.56
C ALA A 133 4.10 7.53 13.94
N VAL A 134 4.81 7.99 12.90
CA VAL A 134 5.80 7.12 12.28
C VAL A 134 6.98 6.83 13.18
N GLN A 135 7.09 7.54 14.31
CA GLN A 135 8.20 7.32 15.24
C GLN A 135 7.81 6.32 16.32
N GLN A 136 6.64 5.66 16.19
CA GLN A 136 6.13 4.81 17.24
C GLN A 136 5.85 3.42 16.69
N PRO A 137 6.06 2.35 17.49
CA PRO A 137 5.87 1.00 16.95
C PRO A 137 4.44 0.64 16.58
N ASP A 138 3.48 1.33 17.17
CA ASP A 138 2.07 1.19 16.87
C ASP A 138 1.52 2.47 16.25
N GLY A 139 2.36 3.16 15.47
CA GLY A 139 1.93 4.44 14.93
C GLY A 139 1.00 4.37 13.71
N LEU A 140 1.22 3.39 12.82
N LEU A 140 1.19 3.35 12.87
CA LEU A 140 0.46 3.31 11.59
CA LEU A 140 0.50 3.25 11.61
C LEU A 140 -0.26 1.97 11.50
C LEU A 140 -0.24 1.93 11.49
N ALA A 141 -1.34 1.99 10.72
CA ALA A 141 -2.01 0.76 10.29
C ALA A 141 -2.16 0.92 8.79
N VAL A 142 -1.60 -0.03 8.03
CA VAL A 142 -1.72 -0.03 6.59
C VAL A 142 -2.56 -1.24 6.19
N LEU A 143 -3.66 -0.95 5.50
CA LEU A 143 -4.55 -1.94 4.96
C LEU A 143 -4.10 -2.21 3.54
N GLY A 144 -3.66 -3.43 3.30
CA GLY A 144 -3.14 -3.85 2.03
C GLY A 144 -4.16 -4.72 1.32
N ILE A 145 -4.36 -4.44 0.03
CA ILE A 145 -5.34 -5.13 -0.79
C ILE A 145 -4.67 -5.50 -2.09
N PHE A 146 -4.72 -6.78 -2.41
CA PHE A 146 -4.13 -7.26 -3.67
C PHE A 146 -5.06 -6.94 -4.85
N LEU A 147 -4.43 -6.70 -6.01
CA LEU A 147 -5.13 -6.52 -7.28
C LEU A 147 -4.71 -7.65 -8.22
N LYS A 148 -5.73 -8.29 -8.82
CA LYS A 148 -5.51 -9.20 -9.91
C LYS A 148 -6.20 -8.63 -11.15
N VAL A 149 -5.74 -9.06 -12.32
CA VAL A 149 -6.28 -8.58 -13.58
C VAL A 149 -7.39 -9.50 -14.06
N GLY A 150 -8.56 -8.93 -14.23
CA GLY A 150 -9.72 -9.65 -14.74
C GLY A 150 -10.78 -8.64 -15.14
N SER A 151 -11.90 -8.63 -14.41
N SER A 151 -11.92 -8.65 -14.45
CA SER A 151 -12.97 -7.67 -14.62
CA SER A 151 -12.95 -7.67 -14.65
C SER A 151 -12.57 -6.31 -14.06
C SER A 151 -12.46 -6.31 -14.15
N ALA A 152 -13.02 -5.25 -14.74
CA ALA A 152 -12.76 -3.90 -14.27
C ALA A 152 -13.32 -3.69 -12.87
N LYS A 153 -12.65 -2.82 -12.11
CA LYS A 153 -13.14 -2.36 -10.82
C LYS A 153 -13.79 -1.01 -11.03
N PRO A 154 -15.12 -0.91 -10.96
CA PRO A 154 -15.78 0.34 -11.32
C PRO A 154 -15.33 1.52 -10.46
N GLY A 155 -15.08 1.27 -9.18
CA GLY A 155 -14.70 2.28 -8.23
C GLY A 155 -13.27 2.77 -8.37
N LEU A 156 -12.48 2.10 -9.21
CA LEU A 156 -11.14 2.58 -9.52
C LEU A 156 -11.11 3.50 -10.72
N GLN A 157 -12.15 3.54 -11.55
CA GLN A 157 -12.01 4.24 -12.81
C GLN A 157 -11.76 5.73 -12.63
N LYS A 158 -12.36 6.38 -11.63
N LYS A 158 -12.36 6.34 -11.60
CA LYS A 158 -12.08 7.81 -11.44
CA LYS A 158 -12.14 7.77 -11.37
C LYS A 158 -10.58 8.04 -11.25
C LYS A 158 -10.66 8.09 -11.11
N VAL A 159 -9.94 7.16 -10.50
CA VAL A 159 -8.50 7.28 -10.32
C VAL A 159 -7.77 7.13 -11.65
N VAL A 160 -8.12 6.10 -12.43
CA VAL A 160 -7.46 5.81 -13.71
C VAL A 160 -7.56 7.03 -14.61
N ASP A 161 -8.73 7.66 -14.63
CA ASP A 161 -8.98 8.71 -15.59
C ASP A 161 -8.28 10.02 -15.27
N VAL A 162 -7.79 10.21 -14.04
CA VAL A 162 -7.07 11.44 -13.73
C VAL A 162 -5.56 11.30 -13.95
N LEU A 163 -5.09 10.08 -14.19
CA LEU A 163 -3.66 9.84 -14.21
C LEU A 163 -2.96 10.57 -15.35
N ASP A 164 -3.62 10.76 -16.49
CA ASP A 164 -3.00 11.52 -17.57
C ASP A 164 -2.63 12.95 -17.14
N SER A 165 -3.32 13.52 -16.14
CA SER A 165 -3.09 14.86 -15.69
C SER A 165 -1.97 14.94 -14.66
N ILE A 166 -1.47 13.81 -14.16
CA ILE A 166 -0.37 13.79 -13.21
C ILE A 166 0.73 12.83 -13.70
N LYS A 167 1.06 12.94 -14.98
CA LYS A 167 1.93 11.95 -15.58
C LYS A 167 3.30 11.90 -14.93
N THR A 168 3.82 13.08 -14.59
CA THR A 168 5.20 13.20 -14.17
C THR A 168 5.32 13.65 -12.73
N LYS A 169 6.49 13.35 -12.18
N LYS A 169 6.52 13.44 -12.20
CA LYS A 169 6.83 13.66 -10.82
CA LYS A 169 6.83 13.67 -10.81
C LYS A 169 6.52 15.12 -10.49
C LYS A 169 6.64 15.13 -10.42
N GLY A 170 5.89 15.33 -9.33
CA GLY A 170 5.61 16.66 -8.84
C GLY A 170 4.28 17.25 -9.30
N LYS A 171 3.60 16.58 -10.22
N LYS A 171 3.61 16.59 -10.21
CA LYS A 171 2.30 17.02 -10.67
CA LYS A 171 2.30 17.06 -10.63
C LYS A 171 1.21 16.53 -9.73
C LYS A 171 1.24 16.56 -9.66
N SER A 172 0.24 17.39 -9.45
CA SER A 172 -0.91 17.07 -8.64
C SER A 172 -2.18 17.57 -9.33
N ALA A 173 -3.30 17.06 -8.85
CA ALA A 173 -4.60 17.49 -9.36
C ALA A 173 -5.62 17.42 -8.25
N ASP A 174 -6.71 18.15 -8.50
N ASP A 174 -6.56 18.36 -8.22
CA ASP A 174 -7.81 18.12 -7.57
CA ASP A 174 -7.66 18.28 -7.26
C ASP A 174 -8.35 16.69 -7.57
C ASP A 174 -8.40 16.95 -7.50
N PHE A 175 -8.75 16.23 -6.40
CA PHE A 175 -9.32 14.90 -6.41
C PHE A 175 -10.28 14.76 -5.25
N THR A 176 -11.37 15.50 -5.32
CA THR A 176 -12.37 15.54 -4.29
C THR A 176 -13.46 14.52 -4.56
N ASN A 177 -14.15 14.17 -3.48
CA ASN A 177 -15.35 13.33 -3.52
C ASN A 177 -15.07 11.92 -3.99
N PHE A 178 -13.86 11.41 -3.81
CA PHE A 178 -13.61 10.03 -4.17
C PHE A 178 -13.92 9.16 -2.95
N ASP A 179 -14.64 8.06 -3.18
CA ASP A 179 -15.09 7.18 -2.13
C ASP A 179 -14.24 5.92 -2.09
N PRO A 180 -13.32 5.76 -1.11
CA PRO A 180 -12.43 4.60 -1.13
C PRO A 180 -13.13 3.28 -0.79
N ARG A 181 -14.40 3.32 -0.37
CA ARG A 181 -15.15 2.07 -0.20
C ARG A 181 -15.23 1.31 -1.52
N GLY A 182 -15.17 2.02 -2.64
CA GLY A 182 -15.23 1.40 -3.95
C GLY A 182 -13.99 0.59 -4.31
N LEU A 183 -12.98 0.57 -3.45
CA LEU A 183 -11.76 -0.18 -3.70
C LEU A 183 -11.66 -1.43 -2.83
N LEU A 184 -12.64 -1.68 -1.97
N LEU A 184 -12.68 -1.71 -2.00
CA LEU A 184 -12.59 -2.83 -1.10
CA LEU A 184 -12.62 -2.81 -1.04
C LEU A 184 -13.09 -4.07 -1.83
C LEU A 184 -13.27 -4.08 -1.59
N PRO A 185 -12.67 -5.26 -1.35
CA PRO A 185 -13.30 -6.52 -1.75
C PRO A 185 -14.52 -6.76 -0.87
N GLU A 186 -15.19 -7.86 -1.14
N GLU A 186 -15.30 -7.81 -1.13
CA GLU A 186 -16.40 -8.21 -0.43
CA GLU A 186 -16.46 -8.13 -0.30
C GLU A 186 -16.12 -8.61 1.01
C GLU A 186 -16.04 -8.50 1.11
N SER A 187 -15.08 -9.42 1.22
CA SER A 187 -14.69 -9.95 2.52
C SER A 187 -13.59 -9.10 3.14
N LEU A 188 -13.63 -8.91 4.47
CA LEU A 188 -12.59 -8.23 5.22
C LEU A 188 -11.74 -9.24 6.00
N ASP A 189 -11.76 -10.53 5.64
CA ASP A 189 -10.82 -11.49 6.23
C ASP A 189 -9.39 -11.03 5.95
N TYR A 190 -8.49 -11.20 6.93
CA TYR A 190 -7.16 -10.61 6.83
C TYR A 190 -6.09 -11.44 7.54
N TRP A 191 -4.84 -11.15 7.14
CA TRP A 191 -3.67 -11.52 7.89
C TRP A 191 -3.11 -10.25 8.52
N THR A 192 -2.37 -10.41 9.62
CA THR A 192 -1.76 -9.24 10.26
C THR A 192 -0.42 -9.62 10.85
N TYR A 193 0.50 -8.65 10.83
CA TYR A 193 1.80 -8.83 11.42
C TYR A 193 2.42 -7.45 11.62
N PRO A 194 3.42 -7.33 12.53
CA PRO A 194 4.11 -6.07 12.74
C PRO A 194 5.20 -5.87 11.70
N GLY A 195 5.24 -4.70 11.09
CA GLY A 195 6.23 -4.43 10.07
C GLY A 195 6.59 -2.97 9.97
N SER A 196 6.88 -2.61 8.72
CA SER A 196 7.50 -1.33 8.43
C SER A 196 6.86 -0.63 7.23
N LEU A 197 7.24 0.63 7.03
CA LEU A 197 7.02 1.27 5.74
C LEU A 197 7.83 0.47 4.72
N THR A 198 7.31 0.37 3.49
CA THR A 198 7.99 -0.38 2.44
C THR A 198 8.80 0.53 1.51
N THR A 199 8.85 1.84 1.77
CA THR A 199 9.77 2.75 1.11
C THR A 199 10.54 3.48 2.19
N PRO A 200 11.71 4.03 1.83
CA PRO A 200 12.42 4.91 2.75
C PRO A 200 11.47 5.94 3.30
N PRO A 201 11.50 6.22 4.62
CA PRO A 201 12.55 5.79 5.54
C PRO A 201 12.46 4.43 6.20
N LEU A 202 11.51 3.58 5.76
CA LEU A 202 11.51 2.17 6.17
C LEU A 202 11.28 1.99 7.68
N LEU A 203 10.57 2.95 8.27
CA LEU A 203 10.43 2.96 9.72
C LEU A 203 9.54 1.81 10.16
N GLU A 204 9.88 1.24 11.30
CA GLU A 204 9.24 0.06 11.83
C GLU A 204 8.07 0.43 12.72
N CYS A 205 7.05 1.00 12.11
CA CYS A 205 5.94 1.65 12.80
C CYS A 205 4.57 1.14 12.37
N VAL A 206 4.52 0.04 11.60
CA VAL A 206 3.29 -0.38 10.93
C VAL A 206 2.71 -1.66 11.51
N THR A 207 1.41 -1.62 11.84
CA THR A 207 0.64 -2.85 11.94
C THR A 207 0.05 -3.10 10.56
N TRP A 208 0.52 -4.16 9.90
CA TRP A 208 0.02 -4.54 8.59
C TRP A 208 -1.25 -5.36 8.72
N ILE A 209 -2.23 -5.02 7.90
CA ILE A 209 -3.46 -5.75 7.78
C ILE A 209 -3.63 -6.03 6.29
N VAL A 210 -3.46 -7.29 5.88
CA VAL A 210 -3.48 -7.61 4.47
C VAL A 210 -4.72 -8.44 4.21
N LEU A 211 -5.60 -7.95 3.36
CA LEU A 211 -6.83 -8.68 3.08
C LEU A 211 -6.55 -9.94 2.24
N LYS A 212 -7.23 -11.04 2.54
N LYS A 212 -7.28 -10.99 2.57
CA LYS A 212 -7.04 -12.23 1.75
CA LYS A 212 -7.22 -12.26 1.88
C LYS A 212 -7.65 -12.13 0.36
C LYS A 212 -7.78 -12.20 0.47
N GLU A 213 -8.85 -11.56 0.27
N GLU A 213 -8.84 -11.42 0.26
CA GLU A 213 -9.56 -11.49 -1.00
CA GLU A 213 -9.57 -11.37 -1.00
C GLU A 213 -9.01 -10.35 -1.84
C GLU A 213 -9.01 -10.27 -1.89
N PRO A 214 -8.51 -10.63 -3.07
N PRO A 214 -8.38 -10.61 -3.03
CA PRO A 214 -8.06 -9.56 -3.95
CA PRO A 214 -7.98 -9.60 -4.02
C PRO A 214 -9.26 -8.84 -4.52
C PRO A 214 -9.18 -8.94 -4.68
N ILE A 215 -8.99 -7.67 -5.07
CA ILE A 215 -9.92 -7.03 -5.98
C ILE A 215 -9.47 -7.31 -7.41
N SER A 216 -10.46 -7.33 -8.31
N SER A 216 -10.45 -7.31 -8.30
CA SER A 216 -10.22 -7.46 -9.73
CA SER A 216 -10.19 -7.47 -9.72
C SER A 216 -10.21 -6.10 -10.39
C SER A 216 -10.23 -6.12 -10.41
N VAL A 217 -9.20 -5.83 -11.21
CA VAL A 217 -9.16 -4.64 -12.07
C VAL A 217 -8.94 -5.12 -13.49
N SER A 218 -9.29 -4.29 -14.46
CA SER A 218 -9.09 -4.71 -15.84
C SER A 218 -7.66 -4.46 -16.31
N SER A 219 -7.29 -5.19 -17.36
N SER A 219 -7.29 -5.15 -17.36
CA SER A 219 -6.01 -4.98 -18.03
CA SER A 219 -5.99 -4.96 -17.98
C SER A 219 -5.87 -3.50 -18.37
C SER A 219 -5.85 -3.52 -18.45
N GLU A 220 -6.94 -2.90 -18.89
CA GLU A 220 -6.89 -1.52 -19.35
C GLU A 220 -6.62 -0.57 -18.18
N GLN A 221 -7.20 -0.85 -17.02
CA GLN A 221 -6.96 -0.05 -15.83
C GLN A 221 -5.48 -0.10 -15.42
N VAL A 222 -4.90 -1.28 -15.32
CA VAL A 222 -3.52 -1.35 -14.88
C VAL A 222 -2.57 -0.83 -15.97
N LEU A 223 -2.93 -0.96 -17.26
CA LEU A 223 -2.11 -0.38 -18.31
C LEU A 223 -1.96 1.11 -18.11
N LYS A 224 -3.00 1.77 -17.62
CA LYS A 224 -2.97 3.20 -17.41
C LYS A 224 -2.06 3.55 -16.24
N PHE A 225 -1.97 2.69 -15.22
CA PHE A 225 -0.97 2.94 -14.19
C PHE A 225 0.43 2.95 -14.78
N ARG A 226 0.66 2.03 -15.72
CA ARG A 226 2.00 1.85 -16.30
C ARG A 226 2.38 2.93 -17.28
N LYS A 227 1.48 3.86 -17.58
CA LYS A 227 1.79 5.00 -18.42
C LYS A 227 2.32 6.21 -17.65
N LEU A 228 2.21 6.15 -16.32
CA LEU A 228 2.82 7.18 -15.49
C LEU A 228 4.32 7.17 -15.63
N ASN A 229 4.95 8.25 -15.20
CA ASN A 229 6.38 8.45 -15.28
C ASN A 229 6.98 8.66 -13.89
N PHE A 230 8.14 8.06 -13.63
CA PHE A 230 8.94 8.37 -12.46
C PHE A 230 9.57 9.76 -12.57
N ASN A 231 9.96 10.14 -13.79
CA ASN A 231 10.64 11.38 -14.08
C ASN A 231 9.70 12.57 -14.00
N GLY A 232 10.37 13.73 -13.89
CA GLY A 232 9.69 14.99 -14.04
C GLY A 232 9.46 15.39 -15.50
N GLU A 233 8.60 16.39 -15.69
CA GLU A 233 8.26 16.93 -17.00
C GLU A 233 9.54 17.37 -17.71
N GLY A 234 9.66 17.00 -18.99
CA GLY A 234 10.77 17.39 -19.84
C GLY A 234 11.99 16.51 -19.70
N GLU A 235 12.03 15.62 -18.71
CA GLU A 235 13.16 14.74 -18.46
C GLU A 235 12.97 13.48 -19.28
N PRO A 236 14.04 12.68 -19.47
CA PRO A 236 13.87 11.43 -20.21
C PRO A 236 12.82 10.53 -19.58
N GLU A 237 11.95 9.93 -20.39
N GLU A 237 11.91 10.03 -20.41
CA GLU A 237 10.83 9.18 -19.84
CA GLU A 237 10.79 9.28 -19.92
C GLU A 237 11.27 7.84 -19.26
C GLU A 237 11.27 7.96 -19.32
N GLU A 238 10.95 7.66 -17.99
N GLU A 238 10.78 7.67 -18.12
CA GLU A 238 11.06 6.41 -17.27
CA GLU A 238 11.03 6.40 -17.47
C GLU A 238 9.66 6.03 -16.85
C GLU A 238 9.73 5.97 -16.82
N LEU A 239 9.14 4.94 -17.41
CA LEU A 239 7.80 4.54 -17.04
C LEU A 239 7.81 4.12 -15.58
N MET A 240 6.73 4.52 -14.90
CA MET A 240 6.53 4.15 -13.50
C MET A 240 5.92 2.76 -13.46
N VAL A 241 6.84 1.79 -13.34
CA VAL A 241 6.49 0.39 -13.26
C VAL A 241 7.48 -0.26 -12.30
N ASP A 242 7.07 -1.37 -11.70
CA ASP A 242 7.93 -2.13 -10.81
C ASP A 242 8.39 -1.28 -9.63
N ASN A 243 7.42 -0.55 -9.07
CA ASN A 243 7.64 0.27 -7.88
C ASN A 243 7.28 -0.50 -6.61
N TRP A 244 7.74 -1.74 -6.52
CA TRP A 244 7.50 -2.62 -5.40
C TRP A 244 8.83 -3.04 -4.80
N ARG A 245 8.81 -3.20 -3.49
CA ARG A 245 9.92 -3.77 -2.73
C ARG A 245 9.67 -5.26 -2.61
N PRO A 246 10.68 -6.13 -2.77
N PRO A 246 10.69 -6.12 -2.85
CA PRO A 246 10.38 -7.56 -2.64
CA PRO A 246 10.56 -7.56 -2.60
C PRO A 246 10.32 -7.96 -1.18
C PRO A 246 10.27 -7.92 -1.14
N ALA A 247 9.81 -9.16 -0.95
CA ALA A 247 9.62 -9.70 0.39
C ALA A 247 10.94 -9.72 1.15
N GLN A 248 10.83 -9.36 2.43
CA GLN A 248 11.93 -9.26 3.36
C GLN A 248 11.88 -10.39 4.37
N PRO A 249 12.97 -10.66 5.11
CA PRO A 249 12.95 -11.77 6.04
C PRO A 249 11.94 -11.57 7.16
N LEU A 250 11.19 -12.63 7.48
CA LEU A 250 10.21 -12.58 8.53
C LEU A 250 10.84 -12.45 9.90
N LYS A 251 12.05 -12.98 10.06
N LYS A 251 12.00 -13.08 10.13
CA LYS A 251 12.69 -12.98 11.36
CA LYS A 251 12.69 -12.99 11.41
C LYS A 251 11.78 -13.82 12.25
C LYS A 251 11.77 -13.38 12.55
N ASN A 252 11.52 -13.42 13.48
N ASN A 252 11.76 -12.65 13.65
CA ASN A 252 10.78 -14.36 14.33
CA ASN A 252 11.12 -13.19 14.84
C ASN A 252 9.27 -14.11 14.26
C ASN A 252 9.71 -12.64 14.92
N ARG A 253 8.83 -13.29 13.30
N ARG A 253 8.90 -12.98 13.90
CA ARG A 253 7.56 -12.64 13.43
CA ARG A 253 7.52 -12.55 13.81
C ARG A 253 6.44 -13.60 13.10
C ARG A 253 6.66 -13.74 13.39
N GLN A 254 5.34 -13.45 13.80
N GLN A 254 5.31 -13.39 13.88
CA GLN A 254 4.23 -14.35 13.59
CA GLN A 254 4.16 -14.22 13.66
C GLN A 254 3.11 -13.64 12.84
C GLN A 254 3.19 -13.51 12.74
N ILE A 255 2.73 -14.19 11.70
CA ILE A 255 1.60 -13.70 10.91
C ILE A 255 0.34 -14.40 11.43
N LYS A 256 -0.66 -13.61 11.78
CA LYS A 256 -1.89 -14.12 12.33
C LYS A 256 -3.01 -13.97 11.32
N ALA A 257 -3.93 -14.93 11.27
CA ALA A 257 -5.09 -14.91 10.40
C ALA A 257 -6.34 -14.64 11.22
N SER A 258 -7.22 -13.82 10.65
CA SER A 258 -8.48 -13.51 11.28
C SER A 258 -9.54 -14.59 11.02
N PHE A 259 -9.23 -15.57 10.19
CA PHE A 259 -10.20 -16.49 9.63
C PHE A 259 -9.63 -17.89 9.74
N LYS A 260 -10.56 -18.85 9.79
CA LYS A 260 -10.25 -20.27 9.92
C LYS A 260 -10.09 -20.84 8.51
ZN ZN B . 2.83 1.24 -0.14
C1 A1IRV C . 5.46 7.55 4.21
C2 A1IRV C . 5.02 6.16 3.80
C3 A1IRV C . 5.90 5.25 3.25
C4 A1IRV C . 5.53 3.97 2.93
C5 A1IRV C . 4.22 3.58 3.09
C6 A1IRV C . 3.30 4.47 3.65
C7 A1IRV C . 3.70 5.75 3.97
C8 A1IRV C . 5.07 8.56 3.26
N9 A1IRV C . 5.42 8.45 1.88
C10 A1IRV C . 4.97 9.46 1.00
N11 A1IRV C . 5.76 10.05 0.03
C12 A1IRV C . 7.09 10.10 -0.32
N13 A1IRV C . 8.01 9.44 0.38
N14 A1IRV C . 7.47 10.85 -1.35
N15 A1IRV C . 3.74 9.96 1.04
S16 A1IRV C . 3.72 1.94 2.68
O17 A1IRV C . 2.29 1.93 2.73
O18 A1IRV C . 4.43 1.08 3.57
N19 A1IRV C . 4.23 1.69 1.19
C1 A1IRV D . -1.97 15.89 4.98
C2 A1IRV D . -1.23 14.99 4.02
C3 A1IRV D . -1.92 14.02 3.30
C4 A1IRV D . -1.27 13.19 2.42
C5 A1IRV D . 0.11 13.29 2.27
C6 A1IRV D . 0.85 14.25 2.98
C7 A1IRV D . 0.17 15.06 3.87
C8 A1IRV D . -1.98 15.46 6.38
N9 A1IRV D . -2.61 16.43 7.27
C10 A1IRV D . -2.01 17.39 7.92
N11 A1IRV D . -2.79 18.20 8.73
C12 A1IRV D . -3.96 18.08 9.44
N13 A1IRV D . -4.51 16.93 9.82
N14 A1IRV D . -4.51 19.24 9.76
N15 A1IRV D . -0.75 17.74 7.76
S16 A1IRV D . 0.97 12.27 1.12
O17 A1IRV D . 0.08 11.25 0.66
O18 A1IRV D . 2.20 11.88 1.79
N19 A1IRV D . 1.35 13.09 -0.23
S DMS E . 19.76 5.21 -1.53
O DMS E . 18.83 5.99 -0.65
C1 DMS E . 18.89 4.02 -2.47
C2 DMS E . 20.78 4.15 -0.48
#